data_6NU7
#
_entry.id   6NU7
#
_cell.length_a   103.149
_cell.length_b   103.149
_cell.length_c   101.978
_cell.angle_alpha   90.00
_cell.angle_beta   90.00
_cell.angle_gamma   90.00
#
_symmetry.space_group_name_H-M   'P 4 21 2'
#
loop_
_entity.id
_entity.type
_entity.pdbx_description
1 polymer 'Sucrose-6-phosphate hydrolase'
2 non-polymer 1,2-ETHANEDIOL
3 non-polymer 2-AMINO-2-HYDROXYMETHYL-PROPANE-1,3-DIOL
4 non-polymer 'SODIUM ION'
5 water water
#
_entity_poly.entity_id   1
_entity_poly.type   'polypeptide(L)'
_entity_poly.pdbx_seq_one_letter_code
;MEWTREQRYRKYKDWDAQTLLDLQAQAATSPYQMHYHIHPLSGLLNDPNGFSYYNGEYHLFCQSYPFGPVHGVKSWIHFA
SPDLVHWHYLGPAIDPDSDLDNAGAYSGSAMEHNGKLLLMYTGNHRDEDWTRIPYQVIAEMDENNHITKPDAAAILPPEH
VSEHFRDPQLFKHDGKYYVLLGAQDAETKSGHIDIYESDDLKTWHENGYLDLGKDEMGYMIECPNLVFVNNYPVLIFCPQ
GLDKAISDYQNIYPNMYWIGKDINLNEAKFTPLQSHPANLDDGFDVYATQAFNAPDGNAYAISWVGLPDCTYPTDKENWA
NCYSQVKRLEIKDGALYQHPVDAIKNLRHNETQLNDEKIISQKAGKQYELKLYLAAGQAGKLHLASNDDLSASLVIDFNT
AQDAKLTIDRASSGPAVNPDYGATRTIGLNDNEDLDLDIFVDGSLCEIFINDGRHVATLRFFARSSNQKIAFDKDTKYTG
RLWSMNSIL
;
_entity_poly.pdbx_strand_id   A
#
# COMPACT_ATOMS: atom_id res chain seq x y z
N GLU A 2 0.37 -22.21 10.93
CA GLU A 2 -0.11 -23.59 10.90
C GLU A 2 0.06 -24.27 9.52
N TRP A 3 0.08 -23.48 8.44
CA TRP A 3 0.31 -24.03 7.11
C TRP A 3 1.77 -24.45 6.95
N THR A 4 2.01 -25.65 6.41
CA THR A 4 3.38 -26.07 6.15
C THR A 4 3.91 -25.46 4.84
N ARG A 5 5.24 -25.48 4.69
CA ARG A 5 5.85 -25.10 3.42
C ARG A 5 5.22 -25.86 2.26
N GLU A 6 5.08 -27.18 2.42
CA GLU A 6 4.50 -28.00 1.39
C GLU A 6 3.11 -27.50 1.00
N GLN A 7 2.28 -27.19 2.00
CA GLN A 7 0.91 -26.73 1.73
C GLN A 7 0.93 -25.39 1.00
N ARG A 8 1.89 -24.53 1.34
CA ARG A 8 1.94 -23.20 0.73
C ARG A 8 2.38 -23.26 -0.73
N TYR A 9 3.12 -24.30 -1.13
CA TYR A 9 3.63 -24.40 -2.50
C TYR A 9 2.95 -25.47 -3.34
N ARG A 10 1.97 -26.18 -2.80
CA ARG A 10 1.12 -27.00 -3.64
C ARG A 10 0.63 -26.18 -4.84
N LYS A 11 0.67 -26.78 -6.03
CA LYS A 11 0.30 -26.03 -7.23
C LYS A 11 -1.20 -25.73 -7.26
N TYR A 12 -1.57 -24.65 -7.95
CA TYR A 12 -3.00 -24.31 -8.03
C TYR A 12 -3.80 -25.45 -8.63
N LYS A 13 -3.23 -26.19 -9.59
CA LYS A 13 -3.95 -27.30 -10.21
C LYS A 13 -4.18 -28.45 -9.23
N ASP A 14 -3.50 -28.46 -8.09
CA ASP A 14 -3.71 -29.51 -7.10
C ASP A 14 -4.76 -29.14 -6.06
N TRP A 15 -5.32 -27.93 -6.13
CA TRP A 15 -6.53 -27.57 -5.42
C TRP A 15 -7.73 -27.87 -6.33
N ASP A 16 -8.85 -28.21 -5.71
CA ASP A 16 -10.04 -28.43 -6.53
C ASP A 16 -10.83 -27.13 -6.67
N ALA A 17 -11.68 -27.11 -7.72
CA ALA A 17 -12.41 -25.90 -8.06
C ALA A 17 -13.54 -25.61 -7.09
N GLN A 18 -14.14 -26.66 -6.51
CA GLN A 18 -15.18 -26.44 -5.51
C GLN A 18 -14.62 -25.67 -4.31
N THR A 19 -13.42 -26.07 -3.85
CA THR A 19 -12.81 -25.34 -2.74
C THR A 19 -12.59 -23.87 -3.10
N LEU A 20 -12.09 -23.60 -4.29
CA LEU A 20 -11.91 -22.20 -4.70
C LEU A 20 -13.25 -21.44 -4.74
N LEU A 21 -14.30 -22.04 -5.30
CA LEU A 21 -15.60 -21.36 -5.30
C LEU A 21 -16.07 -21.11 -3.87
N ASP A 22 -15.91 -22.10 -2.97
CA ASP A 22 -16.30 -21.90 -1.58
C ASP A 22 -15.54 -20.72 -0.98
N LEU A 23 -14.25 -20.62 -1.29
CA LEU A 23 -13.41 -19.56 -0.73
C LEU A 23 -13.82 -18.20 -1.25
N GLN A 24 -14.28 -18.12 -2.50
CA GLN A 24 -14.73 -16.83 -3.02
C GLN A 24 -15.96 -16.38 -2.28
N ALA A 25 -16.88 -17.31 -1.98
CA ALA A 25 -18.07 -16.94 -1.22
C ALA A 25 -17.70 -16.51 0.18
N GLN A 26 -16.78 -17.23 0.82
CA GLN A 26 -16.38 -16.90 2.18
C GLN A 26 -15.73 -15.52 2.25
N ALA A 27 -14.83 -15.20 1.32
CA ALA A 27 -14.22 -13.88 1.32
C ALA A 27 -15.26 -12.81 1.04
N ALA A 28 -16.07 -12.99 0.00
CA ALA A 28 -16.95 -11.90 -0.42
C ALA A 28 -18.04 -11.59 0.62
N THR A 29 -18.52 -12.59 1.35
CA THR A 29 -19.64 -12.40 2.26
C THR A 29 -19.19 -12.17 3.68
N SER A 30 -17.89 -12.00 3.90
CA SER A 30 -17.39 -11.74 5.23
C SER A 30 -18.04 -10.47 5.78
N PRO A 31 -18.48 -10.47 7.04
CA PRO A 31 -18.98 -9.24 7.66
C PRO A 31 -17.89 -8.17 7.76
N TYR A 32 -16.62 -8.51 7.58
CA TYR A 32 -15.55 -7.52 7.59
C TYR A 32 -15.02 -7.16 6.21
N GLN A 33 -15.65 -7.64 5.13
CA GLN A 33 -15.15 -7.34 3.80
C GLN A 33 -15.27 -5.84 3.53
N MET A 34 -14.34 -5.34 2.73
CA MET A 34 -14.41 -3.99 2.16
C MET A 34 -15.27 -4.03 0.89
N HIS A 35 -16.03 -2.95 0.65
CA HIS A 35 -16.84 -2.89 -0.56
C HIS A 35 -16.72 -1.59 -1.37
N TYR A 36 -15.78 -0.70 -1.04
CA TYR A 36 -15.35 0.27 -2.03
C TYR A 36 -13.83 0.39 -2.09
N HIS A 37 -13.12 -0.64 -1.61
CA HIS A 37 -11.69 -0.80 -1.81
C HIS A 37 -11.44 -2.17 -2.44
N ILE A 38 -10.36 -2.25 -3.21
CA ILE A 38 -9.91 -3.53 -3.74
C ILE A 38 -9.62 -4.51 -2.61
N HIS A 39 -10.16 -5.72 -2.76
CA HIS A 39 -10.01 -6.81 -1.81
C HIS A 39 -9.85 -8.09 -2.59
N PRO A 40 -9.27 -9.15 -1.99
CA PRO A 40 -9.10 -10.40 -2.72
C PRO A 40 -10.46 -10.98 -3.06
N LEU A 41 -10.52 -11.64 -4.23
CA LEU A 41 -11.68 -12.47 -4.49
C LEU A 41 -11.67 -13.72 -3.61
N SER A 42 -10.50 -14.23 -3.28
CA SER A 42 -10.33 -15.36 -2.36
C SER A 42 -8.90 -15.36 -1.83
N GLY A 43 -8.71 -15.94 -0.64
CA GLY A 43 -7.34 -16.06 -0.17
C GLY A 43 -6.72 -14.71 0.23
N LEU A 44 -5.41 -14.61 0.05
CA LEU A 44 -4.64 -13.47 0.52
C LEU A 44 -4.26 -12.55 -0.64
N LEU A 45 -4.36 -11.23 -0.39
CA LEU A 45 -3.86 -10.20 -1.27
C LEU A 45 -2.66 -9.51 -0.63
N ASN A 46 -1.63 -9.21 -1.42
CA ASN A 46 -0.62 -8.29 -0.91
C ASN A 46 -0.15 -7.41 -2.07
N ASP A 47 1.12 -6.98 -2.06
CA ASP A 47 1.74 -5.90 -2.87
C ASP A 47 1.01 -5.53 -4.17
N PRO A 48 0.63 -4.26 -4.33
CA PRO A 48 0.25 -3.77 -5.67
C PRO A 48 1.41 -3.91 -6.65
N ASN A 49 1.05 -4.19 -7.91
CA ASN A 49 2.00 -4.48 -8.98
C ASN A 49 1.49 -3.83 -10.25
N GLY A 50 2.42 -3.52 -11.16
CA GLY A 50 2.08 -3.03 -12.49
C GLY A 50 1.10 -1.87 -12.54
N PHE A 51 1.07 -1.06 -11.47
CA PHE A 51 0.21 0.13 -11.42
C PHE A 51 0.56 1.04 -12.58
N SER A 52 -0.42 1.33 -13.46
CA SER A 52 -0.05 1.93 -14.74
C SER A 52 -1.27 2.55 -15.40
N TYR A 53 -1.02 3.23 -16.51
CA TYR A 53 -2.07 3.63 -17.44
C TYR A 53 -1.68 3.07 -18.79
N TYR A 54 -2.62 2.39 -19.43
CA TYR A 54 -2.33 1.69 -20.68
C TYR A 54 -3.64 1.42 -21.42
N ASN A 55 -3.62 1.66 -22.72
CA ASN A 55 -4.71 1.27 -23.61
C ASN A 55 -6.02 1.90 -23.15
N GLY A 56 -5.94 3.17 -22.73
CA GLY A 56 -7.13 3.95 -22.44
C GLY A 56 -7.73 3.78 -21.05
N GLU A 57 -7.05 3.10 -20.12
CA GLU A 57 -7.56 2.98 -18.77
C GLU A 57 -6.41 2.75 -17.79
N TYR A 58 -6.73 2.92 -16.52
CA TYR A 58 -5.79 2.58 -15.45
C TYR A 58 -5.77 1.08 -15.23
N HIS A 59 -4.60 0.56 -14.92
CA HIS A 59 -4.40 -0.85 -14.63
C HIS A 59 -3.76 -1.03 -13.26
N LEU A 60 -4.13 -2.10 -12.59
CA LEU A 60 -3.53 -2.42 -11.30
C LEU A 60 -3.49 -3.94 -11.19
N PHE A 61 -2.34 -4.48 -10.84
CA PHE A 61 -2.17 -5.90 -10.58
C PHE A 61 -1.87 -6.09 -9.10
N CYS A 62 -1.87 -7.36 -8.64
CA CYS A 62 -1.87 -7.68 -7.22
C CYS A 62 -1.14 -8.99 -7.00
N GLN A 63 -0.22 -9.01 -6.03
CA GLN A 63 0.23 -10.28 -5.49
C GLN A 63 -0.97 -11.00 -4.91
N SER A 64 -1.15 -12.27 -5.29
CA SER A 64 -2.32 -13.05 -4.87
C SER A 64 -1.92 -14.47 -4.51
N TYR A 65 -2.44 -14.98 -3.40
CA TYR A 65 -2.47 -16.41 -3.13
C TYR A 65 -3.92 -16.79 -2.88
N PRO A 66 -4.60 -17.45 -3.82
CA PRO A 66 -6.06 -17.50 -3.74
C PRO A 66 -6.65 -18.54 -2.80
N PHE A 67 -5.87 -19.38 -2.11
CA PHE A 67 -6.44 -20.53 -1.43
C PHE A 67 -6.41 -20.44 0.08
N GLY A 68 -5.97 -19.34 0.65
CA GLY A 68 -6.00 -19.22 2.09
C GLY A 68 -5.37 -17.93 2.56
N PRO A 69 -5.38 -17.69 3.87
CA PRO A 69 -4.93 -16.40 4.41
C PRO A 69 -3.44 -16.38 4.69
N VAL A 70 -2.64 -16.85 3.73
CA VAL A 70 -1.23 -17.09 3.95
C VAL A 70 -0.48 -16.75 2.68
N HIS A 71 0.84 -16.61 2.81
CA HIS A 71 1.71 -16.27 1.69
C HIS A 71 2.12 -17.56 0.96
N GLY A 72 1.12 -18.22 0.39
CA GLY A 72 1.38 -19.32 -0.52
C GLY A 72 1.96 -18.82 -1.85
N VAL A 73 2.18 -19.77 -2.77
CA VAL A 73 2.93 -19.46 -3.99
C VAL A 73 2.17 -18.43 -4.82
N LYS A 74 2.85 -17.34 -5.16
CA LYS A 74 2.19 -16.12 -5.58
C LYS A 74 1.95 -16.04 -7.08
N SER A 75 0.82 -15.43 -7.46
CA SER A 75 0.54 -15.05 -8.84
C SER A 75 0.19 -13.56 -8.87
N TRP A 76 0.22 -12.95 -10.07
CA TRP A 76 -0.40 -11.64 -10.30
C TRP A 76 -1.84 -11.84 -10.76
N ILE A 77 -2.79 -11.08 -10.20
CA ILE A 77 -4.11 -10.91 -10.79
C ILE A 77 -4.26 -9.46 -11.25
N HIS A 78 -5.31 -9.19 -12.04
CA HIS A 78 -5.40 -7.96 -12.84
C HIS A 78 -6.74 -7.25 -12.63
N PHE A 79 -6.68 -5.93 -12.35
CA PHE A 79 -7.84 -5.06 -12.33
C PHE A 79 -7.61 -3.86 -13.25
N ALA A 80 -8.68 -3.25 -13.73
CA ALA A 80 -8.58 -2.01 -14.49
C ALA A 80 -9.71 -1.07 -14.07
N SER A 81 -9.57 0.22 -14.42
N SER A 81 -9.55 0.22 -14.36
CA SER A 81 -10.52 1.22 -13.97
CA SER A 81 -10.56 1.21 -13.98
C SER A 81 -10.45 2.43 -14.89
C SER A 81 -10.47 2.42 -14.88
N PRO A 82 -11.56 3.16 -15.07
CA PRO A 82 -11.47 4.44 -15.80
C PRO A 82 -10.97 5.58 -14.95
N ASP A 83 -11.06 5.46 -13.62
CA ASP A 83 -10.97 6.63 -12.75
C ASP A 83 -10.26 6.36 -11.44
N LEU A 84 -9.57 5.23 -11.29
CA LEU A 84 -8.86 4.89 -10.06
C LEU A 84 -9.80 4.63 -8.90
N VAL A 85 -11.09 4.40 -9.17
CA VAL A 85 -12.05 4.17 -8.09
C VAL A 85 -12.91 2.94 -8.40
N HIS A 86 -13.50 2.90 -9.61
CA HIS A 86 -14.39 1.81 -10.02
C HIS A 86 -13.58 0.74 -10.72
N TRP A 87 -13.17 -0.26 -9.97
CA TRP A 87 -12.30 -1.28 -10.54
C TRP A 87 -13.14 -2.46 -10.99
N HIS A 88 -12.66 -3.14 -12.03
CA HIS A 88 -13.30 -4.38 -12.45
C HIS A 88 -12.21 -5.43 -12.63
N TYR A 89 -12.56 -6.67 -12.31
CA TYR A 89 -11.64 -7.80 -12.26
C TYR A 89 -11.38 -8.35 -13.66
N LEU A 90 -10.10 -8.51 -14.02
CA LEU A 90 -9.73 -9.12 -15.29
C LEU A 90 -9.08 -10.49 -15.12
N GLY A 91 -9.07 -11.04 -13.90
CA GLY A 91 -8.58 -12.37 -13.65
C GLY A 91 -7.07 -12.49 -13.46
N PRO A 92 -6.61 -13.73 -13.31
CA PRO A 92 -5.17 -13.98 -13.15
C PRO A 92 -4.39 -13.53 -14.39
N ALA A 93 -3.19 -13.00 -14.14
CA ALA A 93 -2.34 -12.42 -15.17
C ALA A 93 -1.02 -13.16 -15.33
N ILE A 94 -0.31 -13.43 -14.24
CA ILE A 94 0.98 -14.12 -14.29
C ILE A 94 0.98 -15.22 -13.23
N ASP A 95 1.08 -16.51 -13.66
CA ASP A 95 1.13 -17.64 -12.72
C ASP A 95 2.57 -18.08 -12.45
N PRO A 96 2.80 -18.72 -11.31
CA PRO A 96 4.09 -19.41 -11.06
C PRO A 96 4.16 -20.74 -11.81
N ASP A 97 4.17 -20.66 -13.14
CA ASP A 97 3.98 -21.82 -14.00
C ASP A 97 5.21 -22.16 -14.84
N SER A 98 6.33 -21.47 -14.65
CA SER A 98 7.53 -21.68 -15.44
C SER A 98 8.72 -21.90 -14.52
N ASP A 99 9.83 -22.35 -15.09
CA ASP A 99 11.05 -22.52 -14.31
C ASP A 99 11.43 -21.23 -13.58
N LEU A 100 11.41 -20.09 -14.30
CA LEU A 100 11.88 -18.81 -13.76
C LEU A 100 11.08 -18.35 -12.55
N ASP A 101 9.81 -18.70 -12.49
CA ASP A 101 8.95 -18.24 -11.39
C ASP A 101 8.28 -19.42 -10.70
N ASN A 102 8.99 -20.56 -10.60
CA ASN A 102 8.35 -21.78 -10.13
C ASN A 102 7.91 -21.72 -8.68
N ALA A 103 8.51 -20.85 -7.87
CA ALA A 103 8.05 -20.66 -6.50
C ALA A 103 7.51 -19.24 -6.28
N GLY A 104 6.98 -18.65 -7.35
CA GLY A 104 6.28 -17.39 -7.19
C GLY A 104 6.57 -16.38 -8.28
N ALA A 105 5.51 -15.74 -8.77
CA ALA A 105 5.65 -14.51 -9.56
C ALA A 105 5.55 -13.35 -8.57
N TYR A 106 6.71 -12.89 -8.09
CA TYR A 106 6.82 -11.84 -7.11
C TYR A 106 6.55 -10.49 -7.75
N SER A 107 6.67 -9.43 -6.96
CA SER A 107 6.19 -8.11 -7.36
C SER A 107 6.98 -7.50 -8.52
N GLY A 108 6.37 -6.49 -9.14
CA GLY A 108 6.97 -5.82 -10.26
C GLY A 108 6.10 -4.67 -10.72
N SER A 109 6.46 -4.14 -11.87
CA SER A 109 5.95 -2.88 -12.37
C SER A 109 5.49 -3.02 -13.81
N ALA A 110 4.88 -1.97 -14.35
CA ALA A 110 4.40 -1.98 -15.73
C ALA A 110 4.91 -0.74 -16.45
N MET A 111 5.34 -0.92 -17.71
CA MET A 111 5.78 0.20 -18.54
C MET A 111 5.26 0.03 -19.96
N GLU A 112 4.56 1.03 -20.47
CA GLU A 112 4.11 1.00 -21.86
C GLU A 112 5.31 1.03 -22.80
N HIS A 113 5.26 0.21 -23.84
CA HIS A 113 6.32 0.16 -24.84
C HIS A 113 5.74 -0.24 -26.19
N ASN A 114 5.83 0.68 -27.15
CA ASN A 114 5.39 0.49 -28.55
C ASN A 114 4.04 -0.23 -28.64
N GLY A 115 3.08 0.22 -27.85
CA GLY A 115 1.72 -0.26 -27.98
C GLY A 115 1.40 -1.47 -27.14
N LYS A 116 2.40 -2.04 -26.46
CA LYS A 116 2.24 -3.10 -25.49
C LYS A 116 2.52 -2.56 -24.08
N LEU A 117 2.18 -3.38 -23.08
CA LEU A 117 2.49 -3.05 -21.69
C LEU A 117 3.48 -4.09 -21.16
N LEU A 118 4.72 -3.68 -20.93
CA LEU A 118 5.71 -4.60 -20.38
C LEU A 118 5.48 -4.74 -18.88
N LEU A 119 5.39 -5.99 -18.42
CA LEU A 119 5.25 -6.26 -16.99
C LEU A 119 6.57 -6.88 -16.53
N MET A 120 7.35 -6.13 -15.77
CA MET A 120 8.64 -6.61 -15.30
C MET A 120 8.51 -7.02 -13.84
N TYR A 121 8.90 -8.26 -13.53
CA TYR A 121 8.64 -8.82 -12.21
C TYR A 121 9.77 -9.78 -11.85
N THR A 122 9.80 -10.17 -10.57
CA THR A 122 10.82 -11.09 -10.10
C THR A 122 10.27 -12.51 -10.13
N GLY A 123 10.95 -13.39 -10.85
CA GLY A 123 10.64 -14.80 -10.77
C GLY A 123 11.31 -15.33 -9.53
N ASN A 124 10.52 -15.80 -8.56
CA ASN A 124 11.04 -16.39 -7.32
C ASN A 124 11.32 -17.86 -7.59
N HIS A 125 12.51 -18.15 -8.10
CA HIS A 125 12.87 -19.52 -8.44
C HIS A 125 13.46 -20.25 -7.23
N ARG A 126 12.98 -21.46 -6.97
CA ARG A 126 13.62 -22.36 -5.99
C ARG A 126 14.21 -23.56 -6.74
N ASP A 127 15.53 -23.74 -6.66
CA ASP A 127 16.21 -24.79 -7.41
C ASP A 127 15.99 -26.15 -6.71
N GLU A 128 16.73 -27.16 -7.17
CA GLU A 128 16.55 -28.53 -6.69
C GLU A 128 16.75 -28.65 -5.18
N ASP A 129 17.58 -27.79 -4.58
CA ASP A 129 17.86 -27.82 -3.15
C ASP A 129 17.02 -26.84 -2.36
N TRP A 130 16.03 -26.18 -2.99
CA TRP A 130 15.27 -25.08 -2.38
C TRP A 130 16.14 -23.85 -2.13
N THR A 131 17.22 -23.69 -2.90
CA THR A 131 17.94 -22.42 -2.94
C THR A 131 17.16 -21.41 -3.78
N ARG A 132 16.90 -20.24 -3.22
CA ARG A 132 16.21 -19.18 -3.95
C ARG A 132 17.16 -18.50 -4.91
N ILE A 133 16.79 -18.45 -6.19
CA ILE A 133 17.53 -17.75 -7.22
C ILE A 133 16.57 -16.74 -7.84
N PRO A 134 16.76 -15.45 -7.60
CA PRO A 134 15.81 -14.46 -8.10
C PRO A 134 16.16 -14.07 -9.54
N TYR A 135 15.16 -14.10 -10.42
CA TYR A 135 15.30 -13.72 -11.82
C TYR A 135 14.40 -12.52 -12.11
N GLN A 136 14.89 -11.58 -12.89
CA GLN A 136 14.06 -10.44 -13.29
C GLN A 136 13.55 -10.73 -14.70
N VAL A 137 12.23 -10.78 -14.86
CA VAL A 137 11.58 -11.26 -16.07
C VAL A 137 10.75 -10.12 -16.67
N ILE A 138 10.79 -9.96 -17.99
CA ILE A 138 9.95 -8.98 -18.66
C ILE A 138 8.91 -9.71 -19.48
N ALA A 139 7.69 -9.75 -18.97
CA ALA A 139 6.57 -10.28 -19.74
C ALA A 139 5.91 -9.15 -20.52
N GLU A 140 4.96 -9.51 -21.38
CA GLU A 140 4.33 -8.52 -22.26
C GLU A 140 2.82 -8.70 -22.34
N MET A 141 2.08 -7.61 -22.18
CA MET A 141 0.63 -7.64 -22.27
C MET A 141 0.20 -6.86 -23.49
N ASP A 142 -0.84 -7.36 -24.20
CA ASP A 142 -1.30 -6.70 -25.41
C ASP A 142 -2.60 -5.95 -25.13
N GLU A 143 -3.20 -5.41 -26.19
CA GLU A 143 -4.37 -4.56 -26.01
C GLU A 143 -5.63 -5.33 -25.62
N ASN A 144 -5.60 -6.66 -25.62
CA ASN A 144 -6.70 -7.46 -25.11
C ASN A 144 -6.44 -7.97 -23.70
N ASN A 145 -5.41 -7.43 -23.04
CA ASN A 145 -4.99 -7.83 -21.70
C ASN A 145 -4.47 -9.27 -21.68
N HIS A 146 -3.96 -9.75 -22.81
CA HIS A 146 -3.37 -11.09 -22.90
C HIS A 146 -1.85 -11.00 -22.75
N ILE A 147 -1.29 -11.92 -21.98
CA ILE A 147 0.08 -11.81 -21.50
C ILE A 147 0.91 -12.97 -22.05
N THR A 148 2.10 -12.65 -22.57
CA THR A 148 3.08 -13.64 -23.00
C THR A 148 4.31 -13.51 -22.11
N LYS A 149 4.95 -14.63 -21.82
CA LYS A 149 6.09 -14.75 -20.93
C LYS A 149 7.31 -15.17 -21.73
N PRO A 150 8.49 -14.61 -21.48
CA PRO A 150 9.68 -15.08 -22.19
C PRO A 150 10.23 -16.35 -21.53
N ASP A 151 11.09 -17.02 -22.27
CA ASP A 151 11.77 -18.19 -21.73
C ASP A 151 13.06 -17.83 -20.99
N ALA A 152 13.56 -16.60 -21.10
CA ALA A 152 14.81 -16.23 -20.46
C ALA A 152 14.64 -14.94 -19.64
N ALA A 153 15.43 -14.85 -18.59
CA ALA A 153 15.39 -13.70 -17.71
C ALA A 153 16.01 -12.48 -18.38
N ALA A 154 15.55 -11.29 -17.97
CA ALA A 154 16.21 -10.09 -18.45
C ALA A 154 17.47 -9.79 -17.65
N ILE A 155 17.43 -9.99 -16.33
CA ILE A 155 18.57 -9.72 -15.46
C ILE A 155 18.79 -10.94 -14.57
N LEU A 156 19.92 -11.56 -14.70
CA LEU A 156 20.37 -12.65 -13.85
C LEU A 156 20.93 -12.08 -12.54
N PRO A 157 20.84 -12.83 -11.44
CA PRO A 157 21.33 -12.31 -10.15
C PRO A 157 22.84 -12.13 -10.17
N PRO A 158 23.34 -10.92 -9.91
CA PRO A 158 24.80 -10.69 -9.89
C PRO A 158 25.45 -11.21 -8.61
N GLU A 159 26.78 -11.23 -8.63
CA GLU A 159 27.53 -11.85 -7.53
C GLU A 159 27.42 -11.04 -6.23
N HIS A 160 27.25 -9.73 -6.31
CA HIS A 160 27.38 -8.91 -5.12
C HIS A 160 26.11 -8.87 -4.23
N VAL A 161 25.00 -9.47 -4.68
CA VAL A 161 23.75 -9.45 -3.92
C VAL A 161 23.48 -10.85 -3.38
N SER A 162 22.77 -10.92 -2.26
CA SER A 162 22.35 -12.19 -1.69
C SER A 162 21.14 -12.73 -2.48
N GLU A 163 20.43 -13.72 -1.93
CA GLU A 163 19.20 -14.19 -2.58
C GLU A 163 18.11 -13.13 -2.62
N HIS A 164 18.29 -11.99 -1.93
CA HIS A 164 17.24 -10.98 -1.82
C HIS A 164 17.54 -9.88 -2.83
N PHE A 165 16.79 -9.87 -3.92
CA PHE A 165 17.12 -9.08 -5.10
C PHE A 165 15.91 -9.10 -6.01
N ARG A 166 15.04 -8.07 -5.91
CA ARG A 166 13.68 -8.27 -6.40
C ARG A 166 12.92 -6.94 -6.43
N ASP A 167 11.72 -7.01 -7.02
CA ASP A 167 10.70 -5.98 -7.09
C ASP A 167 11.09 -4.89 -8.10
N PRO A 168 11.34 -5.25 -9.37
CA PRO A 168 11.89 -4.26 -10.31
C PRO A 168 10.90 -3.18 -10.65
N GLN A 169 11.38 -1.94 -10.67
CA GLN A 169 10.64 -0.82 -11.26
C GLN A 169 11.30 -0.45 -12.57
N LEU A 170 10.59 -0.69 -13.67
CA LEU A 170 11.04 -0.41 -15.04
C LEU A 170 10.39 0.89 -15.53
N PHE A 171 11.18 1.82 -16.06
CA PHE A 171 10.60 3.06 -16.58
C PHE A 171 11.57 3.71 -17.54
N LYS A 172 11.08 4.69 -18.27
CA LYS A 172 11.87 5.49 -19.20
C LYS A 172 12.17 6.85 -18.57
N HIS A 173 13.44 7.28 -18.67
CA HIS A 173 13.84 8.55 -18.09
C HIS A 173 15.14 9.01 -18.73
N ASP A 174 15.26 10.32 -18.96
CA ASP A 174 16.49 10.91 -19.51
C ASP A 174 16.88 10.27 -20.83
N GLY A 175 15.89 9.85 -21.62
CA GLY A 175 16.15 9.17 -22.88
C GLY A 175 16.56 7.71 -22.82
N LYS A 176 16.64 7.07 -21.65
CA LYS A 176 16.99 5.65 -21.62
C LYS A 176 16.08 4.90 -20.65
N TYR A 177 16.29 3.59 -20.57
CA TYR A 177 15.48 2.74 -19.71
C TYR A 177 16.23 2.45 -18.41
N TYR A 178 15.50 2.47 -17.30
CA TYR A 178 16.07 2.16 -16.00
C TYR A 178 15.25 1.10 -15.31
N VAL A 179 15.95 0.31 -14.50
CA VAL A 179 15.33 -0.64 -13.59
C VAL A 179 15.91 -0.37 -12.21
N LEU A 180 15.01 -0.13 -11.25
CA LEU A 180 15.37 -0.04 -9.84
C LEU A 180 14.96 -1.33 -9.14
N LEU A 181 15.89 -1.92 -8.40
CA LEU A 181 15.64 -3.18 -7.72
C LEU A 181 15.96 -3.07 -6.24
N GLY A 182 15.11 -3.71 -5.43
CA GLY A 182 15.43 -3.88 -4.02
C GLY A 182 16.49 -4.94 -3.87
N ALA A 183 17.50 -4.66 -3.02
CA ALA A 183 18.66 -5.52 -2.92
C ALA A 183 19.23 -5.57 -1.50
N GLN A 184 19.74 -6.75 -1.16
CA GLN A 184 20.58 -6.94 0.02
C GLN A 184 21.99 -7.25 -0.46
N ASP A 185 22.95 -6.45 -0.02
CA ASP A 185 24.33 -6.68 -0.36
C ASP A 185 24.81 -8.00 0.25
N ALA A 186 25.48 -8.83 -0.54
CA ALA A 186 25.89 -10.15 -0.06
C ALA A 186 26.90 -10.07 1.09
N GLU A 187 27.79 -9.07 1.09
CA GLU A 187 28.82 -9.02 2.12
C GLU A 187 28.34 -8.28 3.38
N THR A 188 27.72 -7.12 3.22
CA THR A 188 27.31 -6.37 4.40
C THR A 188 25.94 -6.76 4.93
N LYS A 189 25.12 -7.44 4.11
CA LYS A 189 23.72 -7.75 4.45
C LYS A 189 22.89 -6.48 4.69
N SER A 190 23.18 -5.40 3.96
CA SER A 190 22.47 -4.13 4.08
CA SER A 190 22.45 -4.14 4.09
C SER A 190 21.54 -3.92 2.88
N GLY A 191 20.47 -3.16 3.11
CA GLY A 191 19.47 -2.91 2.08
C GLY A 191 19.85 -1.77 1.14
N HIS A 192 19.56 -1.96 -0.14
CA HIS A 192 19.95 -1.00 -1.17
C HIS A 192 18.89 -0.97 -2.26
N ILE A 193 18.89 0.11 -3.02
CA ILE A 193 18.18 0.21 -4.30
C ILE A 193 19.24 0.12 -5.38
N ASP A 194 19.23 -0.96 -6.15
CA ASP A 194 20.26 -1.21 -7.15
C ASP A 194 19.76 -0.72 -8.51
N ILE A 195 20.63 -0.08 -9.29
CA ILE A 195 20.22 0.62 -10.51
C ILE A 195 20.77 -0.12 -11.73
N TYR A 196 19.90 -0.31 -12.73
CA TYR A 196 20.25 -0.90 -14.01
C TYR A 196 19.80 0.05 -15.10
N GLU A 197 20.54 0.11 -16.20
CA GLU A 197 20.18 1.00 -17.28
C GLU A 197 20.36 0.29 -18.62
N SER A 198 19.54 0.69 -19.58
CA SER A 198 19.59 0.08 -20.90
C SER A 198 19.12 1.10 -21.93
N ASP A 199 19.70 1.02 -23.13
CA ASP A 199 19.19 1.81 -24.25
CA ASP A 199 19.23 1.79 -24.27
C ASP A 199 18.25 1.02 -25.15
N ASP A 200 18.07 -0.27 -24.91
CA ASP A 200 17.23 -1.06 -25.81
C ASP A 200 16.34 -2.08 -25.13
N LEU A 201 16.43 -2.27 -23.82
CA LEU A 201 15.67 -3.26 -23.03
C LEU A 201 16.20 -4.69 -23.19
N LYS A 202 17.27 -4.92 -23.95
CA LYS A 202 17.88 -6.24 -24.10
C LYS A 202 19.16 -6.41 -23.30
N THR A 203 20.04 -5.41 -23.32
CA THR A 203 21.30 -5.45 -22.58
C THR A 203 21.21 -4.46 -21.42
N TRP A 204 21.39 -4.95 -20.20
CA TRP A 204 21.29 -4.13 -19.01
C TRP A 204 22.68 -3.90 -18.41
N HIS A 205 22.93 -2.69 -17.92
CA HIS A 205 24.21 -2.33 -17.32
C HIS A 205 23.99 -1.90 -15.88
N GLU A 206 24.86 -2.38 -15.00
CA GLU A 206 24.79 -2.04 -13.57
C GLU A 206 25.36 -0.67 -13.34
N ASN A 207 24.59 0.20 -12.69
CA ASN A 207 25.12 1.47 -12.24
C ASN A 207 25.45 1.46 -10.75
N GLY A 208 25.14 0.40 -10.03
CA GLY A 208 25.47 0.31 -8.61
C GLY A 208 24.30 0.69 -7.72
N TYR A 209 24.55 0.61 -6.42
CA TYR A 209 23.56 1.02 -5.42
C TYR A 209 23.35 2.54 -5.45
N LEU A 210 22.10 2.97 -5.37
CA LEU A 210 21.81 4.41 -5.21
C LEU A 210 22.36 4.92 -3.87
N ASP A 211 23.10 6.01 -3.91
CA ASP A 211 23.72 6.55 -2.70
C ASP A 211 22.67 7.19 -1.82
N LEU A 212 22.20 6.47 -0.79
CA LEU A 212 21.27 7.03 0.18
C LEU A 212 21.96 7.48 1.47
N GLY A 213 23.25 7.74 1.42
CA GLY A 213 23.99 8.15 2.60
C GLY A 213 24.72 6.99 3.26
N LYS A 214 25.55 7.35 4.24
CA LYS A 214 26.45 6.38 4.88
C LYS A 214 25.69 5.44 5.82
N ASP A 215 24.56 5.88 6.37
CA ASP A 215 23.83 5.05 7.32
C ASP A 215 23.05 3.95 6.61
N GLU A 216 23.07 2.76 7.19
CA GLU A 216 22.39 1.59 6.62
C GLU A 216 20.88 1.82 6.50
N MET A 217 20.29 1.31 5.41
CA MET A 217 18.85 1.34 5.16
C MET A 217 18.25 -0.05 5.39
N GLY A 218 18.25 -0.49 6.65
CA GLY A 218 17.80 -1.85 6.93
C GLY A 218 18.71 -2.93 6.33
N TYR A 219 18.21 -4.16 6.40
CA TYR A 219 18.94 -5.29 5.82
C TYR A 219 18.40 -5.66 4.44
N MET A 220 17.31 -5.05 4.01
CA MET A 220 16.72 -5.33 2.72
C MET A 220 15.78 -4.18 2.41
N ILE A 221 15.72 -3.76 1.14
CA ILE A 221 14.70 -2.81 0.68
C ILE A 221 13.75 -3.55 -0.24
N GLU A 222 12.50 -3.68 0.18
CA GLU A 222 11.45 -4.22 -0.66
C GLU A 222 10.74 -3.08 -1.38
N CYS A 223 10.19 -3.40 -2.54
CA CYS A 223 9.25 -2.52 -3.26
C CYS A 223 9.80 -1.11 -3.40
N PRO A 224 10.96 -0.92 -4.00
CA PRO A 224 11.44 0.45 -4.26
C PRO A 224 10.68 1.11 -5.39
N ASN A 225 10.45 2.42 -5.24
CA ASN A 225 9.72 3.21 -6.23
C ASN A 225 10.37 4.58 -6.33
N LEU A 226 10.63 5.04 -7.55
CA LEU A 226 10.92 6.43 -7.82
C LEU A 226 9.77 7.04 -8.61
N VAL A 227 9.19 8.13 -8.11
CA VAL A 227 8.23 8.92 -8.89
C VAL A 227 8.58 10.38 -8.75
N PHE A 228 8.25 11.16 -9.79
CA PHE A 228 8.47 12.59 -9.79
C PHE A 228 7.17 13.25 -9.37
N VAL A 229 7.23 14.03 -8.30
CA VAL A 229 6.05 14.69 -7.71
C VAL A 229 6.37 16.17 -7.68
N ASN A 230 5.62 16.95 -8.46
CA ASN A 230 5.88 18.39 -8.57
C ASN A 230 7.35 18.64 -8.90
N ASN A 231 7.89 17.79 -9.77
CA ASN A 231 9.24 17.82 -10.33
C ASN A 231 10.33 17.40 -9.34
N TYR A 232 9.99 16.98 -8.10
CA TYR A 232 10.95 16.40 -7.17
C TYR A 232 11.02 14.90 -7.35
N PRO A 233 12.23 14.32 -7.37
CA PRO A 233 12.35 12.85 -7.30
C PRO A 233 11.93 12.38 -5.90
N VAL A 234 10.98 11.45 -5.85
CA VAL A 234 10.51 10.92 -4.58
C VAL A 234 10.72 9.40 -4.57
N LEU A 235 11.41 8.91 -3.56
CA LEU A 235 11.55 7.47 -3.32
C LEU A 235 10.50 6.98 -2.33
N ILE A 236 9.88 5.84 -2.64
CA ILE A 236 8.91 5.19 -1.75
C ILE A 236 9.33 3.75 -1.67
N PHE A 237 9.57 3.24 -0.45
CA PHE A 237 10.28 1.97 -0.35
C PHE A 237 10.10 1.38 1.06
N CYS A 238 10.50 0.11 1.19
CA CYS A 238 10.22 -0.68 2.41
C CYS A 238 11.55 -1.21 2.96
N PRO A 239 12.23 -0.44 3.78
CA PRO A 239 13.50 -0.89 4.35
C PRO A 239 13.30 -1.76 5.58
N GLN A 240 13.20 -3.09 5.38
CA GLN A 240 13.06 -4.01 6.50
C GLN A 240 14.26 -3.91 7.41
N GLY A 241 14.02 -3.89 8.72
CA GLY A 241 15.11 -3.76 9.66
C GLY A 241 15.64 -2.37 9.83
N LEU A 242 14.95 -1.35 9.33
CA LEU A 242 15.43 0.03 9.46
C LEU A 242 15.67 0.38 10.93
N ASP A 243 16.84 0.96 11.22
CA ASP A 243 17.16 1.42 12.56
C ASP A 243 16.21 2.55 12.94
N LYS A 244 15.51 2.41 14.08
CA LYS A 244 14.53 3.42 14.43
C LYS A 244 15.18 4.75 14.81
N ALA A 245 16.49 4.78 15.01
CA ALA A 245 17.18 6.05 15.19
C ALA A 245 17.07 6.93 13.93
N ILE A 246 16.99 6.32 12.74
CA ILE A 246 16.83 7.12 11.51
C ILE A 246 15.44 7.75 11.48
N SER A 247 14.42 6.98 11.82
CA SER A 247 13.05 7.47 11.88
C SER A 247 12.23 6.57 12.76
N ASP A 248 11.36 7.15 13.57
CA ASP A 248 10.51 6.29 14.37
C ASP A 248 9.50 5.59 13.48
N TYR A 249 9.12 4.38 13.88
CA TYR A 249 7.99 3.67 13.28
C TYR A 249 7.60 2.58 14.25
N GLN A 250 6.34 2.16 14.16
CA GLN A 250 5.83 1.17 15.07
C GLN A 250 5.39 -0.13 14.36
N ASN A 251 5.17 -0.09 13.05
CA ASN A 251 4.85 -1.34 12.37
C ASN A 251 6.08 -2.26 12.30
N ILE A 252 5.82 -3.56 12.11
CA ILE A 252 6.92 -4.54 12.12
C ILE A 252 8.01 -4.13 11.13
N TYR A 253 7.63 -3.73 9.91
CA TYR A 253 8.46 -3.21 8.84
C TYR A 253 7.87 -1.91 8.33
N PRO A 254 8.69 -0.88 8.07
CA PRO A 254 8.17 0.42 7.65
C PRO A 254 8.07 0.54 6.12
N ASN A 255 7.23 1.48 5.71
CA ASN A 255 7.09 1.90 4.31
C ASN A 255 7.47 3.38 4.37
N MET A 256 8.69 3.71 3.92
CA MET A 256 9.20 5.08 4.00
C MET A 256 9.07 5.80 2.66
N TYR A 257 9.20 7.12 2.72
CA TYR A 257 9.42 7.93 1.53
C TYR A 257 10.58 8.88 1.81
N TRP A 258 11.18 9.37 0.73
CA TRP A 258 12.30 10.30 0.85
C TRP A 258 12.27 11.22 -0.36
N ILE A 259 12.08 12.52 -0.15
CA ILE A 259 12.09 13.50 -1.23
C ILE A 259 13.52 13.93 -1.49
N GLY A 260 13.92 13.89 -2.76
CA GLY A 260 15.20 14.43 -3.16
C GLY A 260 15.06 15.79 -3.84
N LYS A 261 16.14 16.58 -3.78
CA LYS A 261 16.23 17.76 -4.62
C LYS A 261 16.49 17.37 -6.06
N ASP A 262 17.19 16.26 -6.27
CA ASP A 262 17.57 15.82 -7.59
CA ASP A 262 17.60 15.82 -7.59
C ASP A 262 18.07 14.38 -7.49
N ILE A 263 18.08 13.69 -8.63
CA ILE A 263 18.53 12.31 -8.69
C ILE A 263 19.27 12.15 -10.01
N ASN A 264 20.33 11.37 -9.99
CA ASN A 264 21.08 11.09 -11.23
C ASN A 264 21.30 9.58 -11.26
N LEU A 265 20.43 8.89 -11.99
CA LEU A 265 20.46 7.44 -12.01
C LEU A 265 21.70 6.92 -12.72
N ASN A 266 22.27 7.67 -13.66
CA ASN A 266 23.48 7.18 -14.30
C ASN A 266 24.64 7.14 -13.31
N GLU A 267 24.71 8.11 -12.39
CA GLU A 267 25.80 8.17 -11.42
C GLU A 267 25.40 7.66 -10.05
N ALA A 268 24.22 7.07 -9.91
CA ALA A 268 23.76 6.50 -8.66
C ALA A 268 23.70 7.54 -7.55
N LYS A 269 23.38 8.78 -7.89
CA LYS A 269 23.38 9.91 -6.95
C LYS A 269 21.97 10.34 -6.56
N PHE A 270 21.78 10.65 -5.27
CA PHE A 270 20.49 11.13 -4.77
C PHE A 270 20.82 12.29 -3.85
N THR A 271 20.37 13.50 -4.20
CA THR A 271 20.57 14.64 -3.31
C THR A 271 19.31 14.78 -2.48
N PRO A 272 19.34 14.47 -1.18
CA PRO A 272 18.10 14.50 -0.39
C PRO A 272 17.62 15.93 -0.16
N LEU A 273 16.30 16.13 -0.31
CA LEU A 273 15.69 17.35 0.19
C LEU A 273 15.50 17.26 1.71
N GLN A 274 14.74 16.25 2.15
CA GLN A 274 14.62 15.93 3.57
C GLN A 274 15.93 15.38 4.12
N SER A 275 16.28 15.78 5.34
CA SER A 275 17.46 15.20 5.97
C SER A 275 17.27 13.71 6.25
N HIS A 276 16.03 13.26 6.50
CA HIS A 276 15.70 11.89 6.85
C HIS A 276 14.50 11.39 6.04
N PRO A 277 14.43 10.08 5.75
CA PRO A 277 13.17 9.52 5.24
C PRO A 277 12.09 9.57 6.31
N ALA A 278 10.83 9.54 5.87
CA ALA A 278 9.69 9.65 6.79
C ALA A 278 8.71 8.54 6.48
N ASN A 279 7.89 8.19 7.48
CA ASN A 279 6.82 7.21 7.26
C ASN A 279 5.88 7.74 6.20
N LEU A 280 5.62 6.93 5.17
CA LEU A 280 4.54 7.27 4.25
C LEU A 280 3.20 7.36 4.98
N ASP A 281 2.91 6.39 5.86
CA ASP A 281 1.63 6.27 6.54
C ASP A 281 1.86 6.15 8.05
N ASP A 282 1.17 6.96 8.83
CA ASP A 282 1.39 6.92 10.27
C ASP A 282 0.52 5.88 10.98
N GLY A 283 -0.22 5.06 10.24
CA GLY A 283 -1.15 4.12 10.83
C GLY A 283 -0.52 2.79 11.18
N PHE A 284 -1.33 1.73 11.04
CA PHE A 284 -1.02 0.45 11.63
C PHE A 284 -0.65 -0.65 10.62
N ASP A 285 -0.89 -0.43 9.31
CA ASP A 285 -0.93 -1.59 8.40
C ASP A 285 -0.46 -1.33 6.98
N VAL A 286 -0.08 -0.11 6.58
CA VAL A 286 0.24 0.15 5.17
C VAL A 286 1.63 -0.39 4.85
N TYR A 287 1.77 -1.07 3.72
CA TYR A 287 3.05 -1.64 3.32
C TYR A 287 3.09 -1.79 1.80
N ALA A 288 4.30 -2.02 1.27
CA ALA A 288 4.51 -2.34 -0.15
C ALA A 288 3.80 -1.36 -1.09
N THR A 289 3.83 -0.07 -0.76
CA THR A 289 3.15 0.89 -1.62
C THR A 289 3.84 0.99 -2.98
N GLN A 290 3.06 1.11 -4.05
CA GLN A 290 3.58 1.29 -5.39
C GLN A 290 3.04 2.61 -5.95
N ALA A 291 3.83 3.27 -6.79
CA ALA A 291 3.44 4.54 -7.37
C ALA A 291 3.92 4.65 -8.81
N PHE A 292 3.26 5.52 -9.60
CA PHE A 292 3.72 5.74 -10.96
C PHE A 292 3.29 7.13 -11.40
N ASN A 293 3.95 7.63 -12.45
CA ASN A 293 3.62 8.91 -13.06
C ASN A 293 2.63 8.69 -14.21
N ALA A 294 1.42 9.26 -14.11
CA ALA A 294 0.35 9.01 -15.05
C ALA A 294 0.34 10.06 -16.17
N PRO A 295 -0.26 9.72 -17.31
CA PRO A 295 -0.27 10.67 -18.45
C PRO A 295 -0.95 11.99 -18.13
N ASP A 296 -1.81 12.02 -17.09
CA ASP A 296 -2.47 13.30 -16.77
C ASP A 296 -1.54 14.24 -16.03
N GLY A 297 -0.27 13.88 -15.85
CA GLY A 297 0.70 14.66 -15.10
C GLY A 297 0.67 14.47 -13.58
N ASN A 298 -0.13 13.56 -13.06
CA ASN A 298 -0.16 13.29 -11.62
C ASN A 298 0.68 12.07 -11.30
N ALA A 299 1.17 12.02 -10.07
CA ALA A 299 1.76 10.82 -9.50
C ALA A 299 0.72 10.21 -8.58
N TYR A 300 0.45 8.91 -8.76
CA TYR A 300 -0.53 8.18 -7.95
C TYR A 300 0.14 7.03 -7.21
N ALA A 301 -0.35 6.76 -6.01
CA ALA A 301 0.16 5.70 -5.17
C ALA A 301 -0.99 4.87 -4.64
N ILE A 302 -0.74 3.58 -4.45
CA ILE A 302 -1.70 2.73 -3.76
C ILE A 302 -0.92 1.73 -2.92
N SER A 303 -1.51 1.39 -1.77
CA SER A 303 -0.82 0.65 -0.72
C SER A 303 -1.49 -0.70 -0.48
N TRP A 304 -0.67 -1.70 -0.18
CA TRP A 304 -1.18 -2.88 0.50
C TRP A 304 -1.52 -2.52 1.95
N VAL A 305 -2.72 -2.90 2.41
CA VAL A 305 -3.09 -2.75 3.83
C VAL A 305 -3.01 -4.15 4.41
N GLY A 306 -1.92 -4.43 5.09
CA GLY A 306 -1.53 -5.78 5.45
C GLY A 306 -0.02 -5.77 5.66
N LEU A 307 0.47 -6.50 6.67
CA LEU A 307 1.89 -6.54 6.94
C LEU A 307 2.37 -7.97 6.93
N PRO A 308 3.59 -8.22 6.44
CA PRO A 308 4.16 -9.57 6.50
C PRO A 308 4.50 -9.95 7.93
N ASP A 309 4.53 -11.28 8.14
CA ASP A 309 4.85 -11.89 9.44
C ASP A 309 3.87 -11.46 10.52
N CYS A 310 2.68 -11.04 10.11
CA CYS A 310 1.62 -10.57 11.00
C CYS A 310 0.41 -11.46 10.78
N THR A 311 -0.56 -11.41 11.71
CA THR A 311 -1.83 -12.12 11.56
C THR A 311 -2.99 -11.19 11.86
N TYR A 312 -4.19 -11.64 11.49
CA TYR A 312 -5.41 -10.82 11.54
C TYR A 312 -6.58 -11.67 11.98
N PRO A 313 -7.55 -11.08 12.68
CA PRO A 313 -8.72 -11.85 13.15
C PRO A 313 -9.53 -12.50 12.04
N THR A 314 -9.46 -11.99 10.81
CA THR A 314 -10.14 -12.63 9.70
C THR A 314 -9.38 -13.82 9.12
N ASP A 315 -8.22 -14.15 9.68
CA ASP A 315 -7.49 -15.32 9.18
C ASP A 315 -8.34 -16.58 9.22
N LYS A 316 -9.17 -16.73 10.28
CA LYS A 316 -10.06 -17.87 10.39
C LYS A 316 -11.15 -17.88 9.32
N GLU A 317 -11.34 -16.78 8.61
CA GLU A 317 -12.28 -16.77 7.49
C GLU A 317 -11.63 -17.14 6.17
N ASN A 318 -10.34 -17.51 6.17
CA ASN A 318 -9.63 -18.00 4.98
C ASN A 318 -9.42 -16.92 3.91
N TRP A 319 -9.37 -15.65 4.30
CA TRP A 319 -8.99 -14.60 3.35
C TRP A 319 -8.20 -13.54 4.12
N ALA A 320 -7.51 -12.66 3.38
CA ALA A 320 -6.66 -11.68 4.08
C ALA A 320 -6.39 -10.42 3.27
N ASN A 321 -6.57 -9.27 3.95
CA ASN A 321 -6.07 -7.95 3.60
C ASN A 321 -6.88 -7.30 2.48
N CYS A 322 -6.48 -6.08 2.11
CA CYS A 322 -7.09 -5.31 1.05
C CYS A 322 -6.11 -4.19 0.69
N TYR A 323 -6.54 -3.31 -0.21
CA TYR A 323 -5.73 -2.16 -0.62
C TYR A 323 -6.26 -0.87 -0.03
N SER A 324 -5.37 0.13 0.08
CA SER A 324 -5.81 1.49 0.35
C SER A 324 -6.57 2.01 -0.86
N GLN A 325 -7.24 3.16 -0.70
CA GLN A 325 -7.65 3.87 -1.90
C GLN A 325 -6.43 4.49 -2.57
N VAL A 326 -6.62 4.94 -3.83
CA VAL A 326 -5.51 5.54 -4.57
C VAL A 326 -5.24 6.91 -3.97
N LYS A 327 -3.97 7.27 -3.82
CA LYS A 327 -3.60 8.57 -3.26
C LYS A 327 -2.82 9.36 -4.31
N ARG A 328 -3.34 10.54 -4.64
CA ARG A 328 -2.63 11.48 -5.50
C ARG A 328 -1.59 12.24 -4.68
N LEU A 329 -0.36 12.23 -5.15
CA LEU A 329 0.79 12.73 -4.40
C LEU A 329 1.10 14.19 -4.73
N GLU A 330 1.59 14.89 -3.73
CA GLU A 330 1.94 16.31 -3.85
C GLU A 330 3.13 16.61 -2.95
N ILE A 331 4.05 17.44 -3.43
CA ILE A 331 5.10 17.95 -2.54
C ILE A 331 4.69 19.33 -2.09
N LYS A 332 4.63 19.53 -0.77
CA LYS A 332 4.27 20.81 -0.20
C LYS A 332 5.04 21.01 1.10
N ASP A 333 5.60 22.20 1.26
CA ASP A 333 6.35 22.55 2.48
C ASP A 333 7.42 21.50 2.80
N GLY A 334 8.06 20.96 1.77
CA GLY A 334 9.11 19.99 2.01
C GLY A 334 8.66 18.62 2.48
N ALA A 335 7.38 18.29 2.33
CA ALA A 335 6.84 17.00 2.76
C ALA A 335 5.96 16.41 1.66
N LEU A 336 5.69 15.12 1.79
CA LEU A 336 4.80 14.44 0.85
C LEU A 336 3.38 14.54 1.38
N TYR A 337 2.48 15.13 0.61
CA TYR A 337 1.06 15.13 0.88
C TYR A 337 0.37 14.05 0.04
N GLN A 338 -0.73 13.50 0.57
CA GLN A 338 -1.47 12.43 -0.09
C GLN A 338 -2.95 12.75 -0.10
N HIS A 339 -3.60 12.61 -1.27
CA HIS A 339 -5.00 13.03 -1.39
C HIS A 339 -5.84 11.94 -2.02
N PRO A 340 -7.08 11.74 -1.53
CA PRO A 340 -8.06 10.95 -2.29
C PRO A 340 -8.20 11.47 -3.72
N VAL A 341 -8.41 10.58 -4.68
CA VAL A 341 -8.60 11.08 -6.04
C VAL A 341 -10.00 11.69 -6.15
N ASP A 342 -10.15 12.63 -7.10
CA ASP A 342 -11.42 13.35 -7.26
CA ASP A 342 -11.42 13.35 -7.22
C ASP A 342 -12.60 12.40 -7.43
N ALA A 343 -12.39 11.32 -8.19
CA ALA A 343 -13.50 10.41 -8.48
C ALA A 343 -14.10 9.74 -7.26
N ILE A 344 -13.39 9.67 -6.13
CA ILE A 344 -13.95 9.00 -4.96
C ILE A 344 -15.22 9.70 -4.48
N LYS A 345 -15.40 10.97 -4.83
CA LYS A 345 -16.62 11.69 -4.41
C LYS A 345 -17.87 11.11 -5.06
N ASN A 346 -17.72 10.38 -6.16
CA ASN A 346 -18.87 9.75 -6.81
C ASN A 346 -19.53 8.71 -5.92
N LEU A 347 -18.83 8.19 -4.92
CA LEU A 347 -19.42 7.20 -4.03
C LEU A 347 -20.36 7.84 -2.99
N ARG A 348 -20.25 9.14 -2.78
CA ARG A 348 -20.94 9.80 -1.68
C ARG A 348 -22.45 9.87 -1.91
N HIS A 349 -23.21 9.66 -0.84
CA HIS A 349 -24.64 9.93 -0.85
C HIS A 349 -25.10 10.20 0.58
N ASN A 350 -26.37 10.60 0.72
CA ASN A 350 -26.99 10.87 2.01
C ASN A 350 -26.18 11.87 2.83
N GLU A 351 -25.82 12.99 2.20
CA GLU A 351 -25.01 13.99 2.88
C GLU A 351 -25.75 14.57 4.08
N THR A 352 -25.02 14.74 5.20
CA THR A 352 -25.51 15.36 6.41
C THR A 352 -24.52 16.47 6.83
N GLN A 353 -25.05 17.68 7.06
CA GLN A 353 -24.26 18.79 7.59
C GLN A 353 -24.09 18.64 9.09
N LEU A 354 -22.89 18.94 9.57
CA LEU A 354 -22.54 18.81 10.99
C LEU A 354 -22.02 20.13 11.53
N ASN A 355 -22.53 20.55 12.69
CA ASN A 355 -22.09 21.78 13.34
CA ASN A 355 -22.12 21.79 13.34
C ASN A 355 -22.23 21.57 14.85
N ASP A 356 -21.10 21.27 15.52
CA ASP A 356 -21.05 21.16 16.99
C ASP A 356 -21.88 20.03 17.62
N GLU A 357 -22.54 19.19 16.84
CA GLU A 357 -23.26 18.09 17.48
C GLU A 357 -22.27 17.11 18.08
N LYS A 358 -22.44 16.80 19.37
CA LYS A 358 -21.60 15.81 20.04
C LYS A 358 -21.78 14.43 19.43
N ILE A 359 -23.03 13.98 19.28
CA ILE A 359 -23.30 12.70 18.61
C ILE A 359 -23.46 13.00 17.12
N ILE A 360 -22.51 12.53 16.32
CA ILE A 360 -22.57 12.78 14.89
C ILE A 360 -23.56 11.82 14.24
N SER A 361 -23.59 10.56 14.68
CA SER A 361 -24.52 9.57 14.16
C SER A 361 -24.68 8.48 15.21
N GLN A 362 -25.92 8.07 15.46
CA GLN A 362 -26.15 6.92 16.33
C GLN A 362 -25.81 5.61 15.65
N LYS A 363 -25.79 5.60 14.32
CA LYS A 363 -25.63 4.38 13.55
C LYS A 363 -25.29 4.80 12.13
N ALA A 364 -24.00 4.78 11.79
CA ALA A 364 -23.54 5.43 10.58
C ALA A 364 -23.48 4.52 9.36
N GLY A 365 -23.66 3.23 9.55
CA GLY A 365 -23.41 2.25 8.50
C GLY A 365 -21.96 1.82 8.49
N LYS A 366 -21.66 0.86 7.63
CA LYS A 366 -20.33 0.30 7.58
C LYS A 366 -19.42 1.00 6.57
N GLN A 367 -19.95 1.92 5.76
CA GLN A 367 -19.20 2.55 4.67
C GLN A 367 -19.54 4.04 4.66
N TYR A 368 -18.58 4.89 5.01
CA TYR A 368 -18.83 6.33 5.03
C TYR A 368 -17.54 7.12 4.95
N GLU A 369 -17.72 8.41 4.70
CA GLU A 369 -16.66 9.41 4.72
C GLU A 369 -17.11 10.51 5.66
N LEU A 370 -16.26 10.84 6.62
CA LEU A 370 -16.53 11.85 7.64
C LEU A 370 -15.45 12.92 7.51
N LYS A 371 -15.85 14.15 7.13
CA LYS A 371 -14.90 15.23 6.89
CA LYS A 371 -14.90 15.23 6.89
C LYS A 371 -15.18 16.34 7.88
N LEU A 372 -14.18 16.66 8.73
CA LEU A 372 -14.35 17.53 9.88
C LEU A 372 -13.32 18.66 9.88
N TYR A 373 -13.74 19.82 10.39
CA TYR A 373 -12.85 20.94 10.65
C TYR A 373 -12.99 21.33 12.13
N LEU A 374 -11.89 21.23 12.86
CA LEU A 374 -11.90 21.38 14.32
C LEU A 374 -11.03 22.56 14.72
N ALA A 375 -11.63 23.47 15.48
CA ALA A 375 -10.93 24.68 15.89
C ALA A 375 -9.77 24.35 16.80
N ALA A 376 -8.75 25.19 16.73
CA ALA A 376 -7.61 25.11 17.64
C ALA A 376 -8.09 25.27 19.09
N GLY A 377 -7.25 24.81 20.02
CA GLY A 377 -7.46 25.07 21.42
C GLY A 377 -8.33 24.07 22.14
N GLN A 378 -8.42 22.83 21.64
CA GLN A 378 -9.37 21.85 22.15
C GLN A 378 -8.66 20.54 22.46
N ALA A 379 -9.33 19.73 23.26
CA ALA A 379 -8.90 18.37 23.56
C ALA A 379 -10.13 17.52 23.77
N GLY A 380 -10.08 16.29 23.27
CA GLY A 380 -11.17 15.36 23.45
C GLY A 380 -10.92 14.11 22.65
N LYS A 381 -11.97 13.31 22.53
CA LYS A 381 -11.91 12.07 21.76
C LYS A 381 -13.07 12.04 20.78
N LEU A 382 -12.77 11.61 19.56
CA LEU A 382 -13.77 11.27 18.57
C LEU A 382 -13.80 9.74 18.46
N HIS A 383 -14.99 9.17 18.67
CA HIS A 383 -15.17 7.72 18.63
C HIS A 383 -15.81 7.34 17.31
N LEU A 384 -15.24 6.36 16.62
CA LEU A 384 -15.79 5.81 15.39
C LEU A 384 -16.08 4.32 15.59
N ALA A 385 -17.01 3.78 14.81
CA ALA A 385 -17.44 2.37 14.92
C ALA A 385 -17.66 1.97 16.37
N SER A 386 -18.41 2.79 17.09
CA SER A 386 -18.49 2.71 18.54
C SER A 386 -19.79 2.05 19.00
N ASN A 387 -19.74 1.45 20.18
CA ASN A 387 -20.96 1.06 20.87
C ASN A 387 -21.56 2.31 21.52
N ASP A 388 -22.68 2.14 22.22
CA ASP A 388 -23.38 3.32 22.68
C ASP A 388 -22.60 4.06 23.75
N ASP A 389 -21.94 3.34 24.64
CA ASP A 389 -21.34 4.00 25.79
C ASP A 389 -19.89 4.40 25.53
N LEU A 390 -19.41 4.23 24.29
CA LEU A 390 -18.11 4.65 23.82
C LEU A 390 -16.98 3.80 24.43
N SER A 391 -17.30 2.69 25.09
CA SER A 391 -16.26 1.85 25.66
C SER A 391 -15.59 0.96 24.62
N ALA A 392 -16.21 0.77 23.46
CA ALA A 392 -15.63 -0.05 22.40
C ALA A 392 -15.74 0.78 21.13
N SER A 393 -14.59 1.20 20.59
CA SER A 393 -14.61 2.04 19.40
C SER A 393 -13.20 2.15 18.86
N LEU A 394 -13.10 2.77 17.67
CA LEU A 394 -11.86 3.32 17.19
CA LEU A 394 -11.85 3.33 17.17
C LEU A 394 -11.75 4.75 17.72
N VAL A 395 -10.69 5.02 18.49
CA VAL A 395 -10.56 6.30 19.19
C VAL A 395 -9.57 7.19 18.43
N ILE A 396 -10.00 8.42 18.11
CA ILE A 396 -9.09 9.49 17.69
C ILE A 396 -9.06 10.47 18.85
N ASP A 397 -7.96 10.43 19.61
CA ASP A 397 -7.74 11.31 20.75
C ASP A 397 -6.98 12.54 20.26
N PHE A 398 -7.62 13.70 20.31
CA PHE A 398 -7.03 14.89 19.72
C PHE A 398 -6.78 15.95 20.76
N ASN A 399 -5.72 16.73 20.52
CA ASN A 399 -5.43 17.96 21.26
C ASN A 399 -4.98 18.97 20.21
N THR A 400 -5.65 20.11 20.12
CA THR A 400 -5.21 21.18 19.22
C THR A 400 -4.75 22.40 20.01
N ALA A 401 -4.38 22.19 21.28
CA ALA A 401 -4.06 23.27 22.21
C ALA A 401 -2.55 23.30 22.42
N GLN A 402 -2.06 23.24 23.66
CA GLN A 402 -0.65 23.48 23.96
C GLN A 402 0.25 22.25 23.86
N ASP A 403 -0.29 21.05 23.80
CA ASP A 403 0.53 19.89 23.45
C ASP A 403 -0.20 19.11 22.37
N ALA A 404 -0.26 19.74 21.21
CA ALA A 404 -1.14 19.27 20.14
C ALA A 404 -0.63 17.96 19.56
N LYS A 405 -1.54 17.00 19.34
CA LYS A 405 -1.18 15.68 18.81
C LYS A 405 -2.46 14.89 18.57
N LEU A 406 -2.33 13.83 17.77
CA LEU A 406 -3.40 12.87 17.51
C LEU A 406 -2.90 11.51 17.89
N THR A 407 -3.65 10.82 18.75
CA THR A 407 -3.39 9.44 19.09
C THR A 407 -4.57 8.61 18.60
N ILE A 408 -4.28 7.67 17.72
CA ILE A 408 -5.28 6.75 17.20
C ILE A 408 -5.12 5.46 17.96
N ASP A 409 -6.21 5.01 18.60
CA ASP A 409 -6.18 3.89 19.51
C ASP A 409 -7.23 2.87 19.08
N ARG A 410 -6.81 1.68 18.65
CA ARG A 410 -7.76 0.68 18.21
C ARG A 410 -7.95 -0.46 19.22
N ALA A 411 -7.40 -0.31 20.44
CA ALA A 411 -7.43 -1.41 21.40
C ALA A 411 -8.86 -1.87 21.72
N SER A 412 -9.79 -0.93 21.86
CA SER A 412 -11.13 -1.31 22.29
C SER A 412 -12.07 -1.59 21.11
N SER A 413 -11.58 -1.48 19.87
CA SER A 413 -12.44 -1.57 18.69
C SER A 413 -12.97 -2.98 18.47
N GLY A 414 -12.25 -3.99 18.96
CA GLY A 414 -12.58 -5.38 18.72
C GLY A 414 -11.42 -6.25 19.13
N PRO A 415 -11.34 -7.47 18.57
CA PRO A 415 -10.20 -8.35 18.91
C PRO A 415 -8.87 -7.67 18.62
N ALA A 416 -7.84 -8.10 19.34
CA ALA A 416 -6.53 -7.47 19.20
C ALA A 416 -5.97 -7.72 17.81
N VAL A 417 -5.23 -6.73 17.28
CA VAL A 417 -4.63 -6.79 15.95
C VAL A 417 -3.14 -6.56 16.08
N ASN A 418 -2.35 -7.60 15.88
CA ASN A 418 -0.89 -7.60 16.02
C ASN A 418 -0.48 -6.72 17.22
N PRO A 419 -0.91 -7.08 18.43
CA PRO A 419 -0.69 -6.19 19.59
C PRO A 419 0.77 -6.00 19.96
N ASP A 420 1.65 -6.95 19.60
CA ASP A 420 3.07 -6.78 19.85
C ASP A 420 3.64 -5.50 19.24
N TYR A 421 2.97 -4.93 18.24
CA TYR A 421 3.40 -3.69 17.60
C TYR A 421 2.52 -2.51 18.03
N GLY A 422 1.82 -2.65 19.14
CA GLY A 422 1.16 -1.50 19.73
C GLY A 422 -0.28 -1.37 19.28
N ALA A 423 -1.12 -0.88 20.20
CA ALA A 423 -2.52 -0.58 19.91
C ALA A 423 -2.75 0.89 19.60
N THR A 424 -1.72 1.74 19.65
CA THR A 424 -1.91 3.15 19.36
C THR A 424 -0.86 3.60 18.34
N ARG A 425 -1.21 4.67 17.62
CA ARG A 425 -0.26 5.39 16.79
C ARG A 425 -0.45 6.86 17.07
N THR A 426 0.66 7.61 17.12
CA THR A 426 0.64 9.02 17.49
C THR A 426 1.20 9.87 16.35
N ILE A 427 0.51 10.96 16.04
CA ILE A 427 0.94 11.91 15.04
C ILE A 427 1.05 13.26 15.76
N GLY A 428 2.25 13.82 15.80
CA GLY A 428 2.42 15.12 16.43
C GLY A 428 1.70 16.19 15.62
N LEU A 429 1.11 17.18 16.30
CA LEU A 429 0.49 18.30 15.61
C LEU A 429 1.13 19.61 16.07
N ASN A 430 0.94 20.66 15.27
CA ASN A 430 1.39 21.99 15.67
C ASN A 430 0.50 22.55 16.77
N ASP A 431 1.10 23.03 17.85
CA ASP A 431 0.31 23.58 18.95
C ASP A 431 -0.57 24.73 18.47
N ASN A 432 -1.74 24.85 19.06
CA ASN A 432 -2.66 25.98 18.85
C ASN A 432 -3.04 26.16 17.38
N GLU A 433 -3.11 25.08 16.61
CA GLU A 433 -3.57 25.15 15.24
C GLU A 433 -4.87 24.37 15.07
N ASP A 434 -5.66 24.81 14.08
CA ASP A 434 -6.83 24.08 13.61
C ASP A 434 -6.42 22.69 13.13
N LEU A 435 -7.43 21.83 12.99
CA LEU A 435 -7.24 20.45 12.59
C LEU A 435 -8.33 20.05 11.59
N ASP A 436 -7.93 19.49 10.45
CA ASP A 436 -8.86 18.90 9.51
C ASP A 436 -8.68 17.40 9.52
N LEU A 437 -9.81 16.70 9.41
CA LEU A 437 -9.85 15.25 9.28
C LEU A 437 -10.72 14.89 8.10
N ASP A 438 -10.29 13.91 7.32
CA ASP A 438 -11.10 13.35 6.24
C ASP A 438 -10.97 11.83 6.42
N ILE A 439 -12.02 11.23 6.97
CA ILE A 439 -11.99 9.86 7.47
C ILE A 439 -12.86 8.99 6.58
N PHE A 440 -12.26 7.92 6.05
CA PHE A 440 -12.94 6.92 5.23
C PHE A 440 -13.01 5.61 5.99
N VAL A 441 -14.23 5.13 6.22
CA VAL A 441 -14.46 3.84 6.87
C VAL A 441 -15.07 2.93 5.82
N ASP A 442 -14.58 1.70 5.77
CA ASP A 442 -15.09 0.70 4.80
C ASP A 442 -14.87 -0.66 5.44
N GLY A 443 -15.94 -1.27 5.96
CA GLY A 443 -15.80 -2.57 6.58
C GLY A 443 -14.76 -2.60 7.70
N SER A 444 -13.68 -3.35 7.54
CA SER A 444 -12.61 -3.43 8.53
C SER A 444 -11.41 -2.56 8.15
N LEU A 445 -11.64 -1.51 7.38
CA LEU A 445 -10.61 -0.58 6.94
C LEU A 445 -10.98 0.82 7.38
N CYS A 446 -10.01 1.55 7.94
CA CYS A 446 -10.15 2.99 8.18
C CYS A 446 -8.94 3.74 7.62
N GLU A 447 -9.20 4.86 6.93
CA GLU A 447 -8.17 5.75 6.40
C GLU A 447 -8.42 7.16 6.92
N ILE A 448 -7.46 7.73 7.62
CA ILE A 448 -7.63 9.03 8.28
C ILE A 448 -6.65 10.00 7.64
N PHE A 449 -7.16 10.87 6.77
CA PHE A 449 -6.35 11.92 6.16
C PHE A 449 -6.36 13.12 7.08
N ILE A 450 -5.16 13.61 7.42
CA ILE A 450 -4.95 14.56 8.51
C ILE A 450 -4.41 15.86 7.93
N ASN A 451 -5.06 16.96 8.28
CA ASN A 451 -4.68 18.31 7.85
C ASN A 451 -4.43 18.34 6.34
N ASP A 452 -5.48 17.88 5.64
CA ASP A 452 -5.59 17.99 4.20
C ASP A 452 -4.49 17.21 3.49
N GLY A 453 -4.15 16.05 4.02
CA GLY A 453 -3.19 15.17 3.38
C GLY A 453 -1.77 15.28 3.90
N ARG A 454 -1.51 16.15 4.89
CA ARG A 454 -0.18 16.22 5.48
C ARG A 454 0.25 14.88 6.07
N HIS A 455 -0.68 14.18 6.71
CA HIS A 455 -0.43 12.85 7.22
C HIS A 455 -1.61 11.97 6.85
N VAL A 456 -1.34 10.66 6.71
CA VAL A 456 -2.37 9.66 6.50
C VAL A 456 -2.14 8.57 7.52
N ALA A 457 -3.20 8.12 8.19
CA ALA A 457 -3.10 6.98 9.10
C ALA A 457 -4.11 5.93 8.66
N THR A 458 -3.62 4.78 8.23
CA THR A 458 -4.42 3.70 7.65
C THR A 458 -4.34 2.45 8.53
N LEU A 459 -5.49 1.77 8.74
CA LEU A 459 -5.49 0.66 9.70
C LEU A 459 -6.63 -0.32 9.48
N ARG A 460 -6.38 -1.58 9.88
CA ARG A 460 -7.45 -2.56 10.02
C ARG A 460 -8.06 -2.46 11.41
N PHE A 461 -9.35 -2.72 11.50
CA PHE A 461 -10.04 -2.84 12.78
C PHE A 461 -11.25 -3.74 12.57
N PHE A 462 -11.69 -4.42 13.61
CA PHE A 462 -12.70 -5.47 13.47
C PHE A 462 -13.81 -5.27 14.50
N ALA A 463 -14.68 -4.29 14.27
CA ALA A 463 -15.74 -3.98 15.22
C ALA A 463 -16.96 -4.88 14.97
N ARG A 464 -17.68 -5.22 16.04
CA ARG A 464 -18.94 -5.94 15.85
C ARG A 464 -19.87 -5.09 14.98
N SER A 465 -20.71 -5.77 14.20
CA SER A 465 -21.46 -5.07 13.16
C SER A 465 -22.43 -4.07 13.74
N SER A 466 -22.87 -4.28 14.98
CA SER A 466 -23.79 -3.33 15.57
C SER A 466 -23.09 -2.09 16.15
N ASN A 467 -21.75 -2.00 16.11
CA ASN A 467 -21.04 -0.84 16.67
C ASN A 467 -20.78 0.17 15.57
N GLN A 468 -21.71 1.12 15.40
CA GLN A 468 -21.61 2.05 14.28
C GLN A 468 -21.81 3.49 14.70
N LYS A 469 -21.77 3.78 15.99
CA LYS A 469 -21.90 5.14 16.48
C LYS A 469 -20.66 5.96 16.16
N ILE A 470 -20.87 7.25 15.92
CA ILE A 470 -19.82 8.25 15.77
C ILE A 470 -20.14 9.37 16.73
N ALA A 471 -19.21 9.68 17.66
CA ALA A 471 -19.51 10.69 18.66
C ALA A 471 -18.25 11.22 19.30
N PHE A 472 -18.27 12.53 19.59
CA PHE A 472 -17.30 13.13 20.49
C PHE A 472 -17.71 12.83 21.93
N ASP A 473 -16.71 12.76 22.82
CA ASP A 473 -17.00 12.56 24.23
C ASP A 473 -17.27 13.86 24.97
N LYS A 474 -16.66 14.95 24.54
CA LYS A 474 -16.84 16.27 25.12
C LYS A 474 -17.61 17.12 24.11
N ASP A 475 -18.22 18.18 24.61
CA ASP A 475 -18.67 19.24 23.70
C ASP A 475 -17.47 19.77 22.94
N THR A 476 -17.51 19.62 21.63
CA THR A 476 -16.44 20.01 20.73
C THR A 476 -16.96 21.01 19.70
N LYS A 477 -16.18 22.04 19.40
CA LYS A 477 -16.56 22.99 18.37
C LYS A 477 -15.96 22.54 17.05
N TYR A 478 -16.80 22.35 16.04
CA TYR A 478 -16.34 21.81 14.77
C TYR A 478 -17.45 22.00 13.74
N THR A 479 -17.07 21.92 12.47
CA THR A 479 -18.05 21.79 11.40
C THR A 479 -17.65 20.62 10.52
N GLY A 480 -18.64 20.05 9.82
CA GLY A 480 -18.28 18.92 8.98
C GLY A 480 -19.42 18.43 8.11
N ARG A 481 -19.14 17.31 7.44
CA ARG A 481 -20.10 16.60 6.64
C ARG A 481 -19.88 15.12 6.82
N LEU A 482 -20.98 14.37 6.84
CA LEU A 482 -20.95 12.91 6.86
C LEU A 482 -21.71 12.43 5.63
N TRP A 483 -21.06 11.55 4.85
CA TRP A 483 -21.66 10.93 3.67
C TRP A 483 -21.59 9.42 3.81
N SER A 484 -22.66 8.73 3.44
CA SER A 484 -22.54 7.31 3.16
C SER A 484 -21.76 7.11 1.86
N MET A 485 -21.09 5.94 1.73
CA MET A 485 -20.33 5.61 0.55
C MET A 485 -20.87 4.32 -0.05
N ASN A 486 -21.24 4.35 -1.33
CA ASN A 486 -21.89 3.22 -1.98
C ASN A 486 -20.90 2.07 -2.19
N SER A 487 -21.41 0.84 -2.04
CA SER A 487 -20.63 -0.34 -2.40
C SER A 487 -20.50 -0.47 -3.93
N ILE A 488 -19.29 -0.74 -4.38
CA ILE A 488 -18.94 -0.88 -5.79
C ILE A 488 -18.11 -2.13 -6.05
N LEU A 489 -17.58 -2.73 -4.97
CA LEU A 489 -16.68 -3.87 -5.03
C LEU A 489 -17.07 -4.97 -4.04
#